data_7Z72
#
_entry.id   7Z72
#
_cell.length_a   48.453
_cell.length_b   43.878
_cell.length_c   50.008
_cell.angle_alpha   90.000
_cell.angle_beta   113.320
_cell.angle_gamma   90.000
#
_symmetry.space_group_name_H-M   'P 1 21 1'
#
loop_
_entity.id
_entity.type
_entity.pdbx_description
1 polymer 'Isoform 9 of Tumor protein 63'
2 polymer 'Darpin A5'
3 non-polymer DI(HYDROXYETHYL)ETHER
4 water water
#
loop_
_entity_poly.entity_id
_entity_poly.type
_entity_poly.pdbx_seq_one_letter_code
_entity_poly.pdbx_strand_id
1 'polypeptide(L)' GSTDCSIVSFLARLGCSSCLDYFTTQGLTTIYQIEHYSMDDLASLKIPEQFRHAIWKGILDHRQLHEFS A
2 'polypeptide(L)'
;GSDLGKKLLEAARAGQDDEVRILMANGADVNAQDQYGWTPLHLAAARGHLEIVEVLLKTGADVNAVDKHGNTPLPLAASV
GHLEIVEVLLKAGADVNAQDQFGRTPLHLAAMWGHLEIVEVLLKHGADVNAQDKFGKTAFDISIDNGNEDIVEVLQKAA
;
B
#
# COMPACT_ATOMS: atom_id res chain seq x y z
N THR A 3 -7.82 14.12 17.37
CA THR A 3 -7.84 13.80 15.93
C THR A 3 -6.44 13.99 15.34
N ASP A 4 -6.05 13.04 14.52
CA ASP A 4 -4.69 12.84 14.01
C ASP A 4 -4.53 13.65 12.72
N CYS A 5 -3.62 14.63 12.69
CA CYS A 5 -3.33 15.48 11.51
C CYS A 5 -2.09 14.94 10.74
N SER A 6 -1.68 13.71 10.97
CA SER A 6 -0.55 13.09 10.23
C SER A 6 -0.97 12.76 8.79
N ILE A 7 -0.01 12.85 7.86
CA ILE A 7 -0.21 12.34 6.49
C ILE A 7 -0.41 10.81 6.55
N VAL A 8 0.22 10.13 7.48
CA VAL A 8 0.10 8.65 7.53
C VAL A 8 -1.36 8.25 7.84
N SER A 9 -2.03 8.89 8.80
CA SER A 9 -3.46 8.64 9.13
CA SER A 9 -3.45 8.62 9.13
C SER A 9 -4.35 9.03 7.97
N PHE A 10 -4.11 10.19 7.39
CA PHE A 10 -4.88 10.74 6.24
C PHE A 10 -4.89 9.73 5.09
N LEU A 11 -3.72 9.19 4.76
CA LEU A 11 -3.60 8.24 3.63
C LEU A 11 -4.26 6.92 3.99
N ALA A 12 -4.14 6.47 5.22
CA ALA A 12 -4.81 5.24 5.73
C ALA A 12 -6.32 5.37 5.53
N ARG A 13 -6.90 6.49 5.95
CA ARG A 13 -8.37 6.74 5.84
C ARG A 13 -8.77 6.69 4.36
N LEU A 14 -7.94 7.22 3.46
CA LEU A 14 -8.23 7.27 2.00
C LEU A 14 -7.96 5.92 1.31
N GLY A 15 -7.30 4.97 1.97
CA GLY A 15 -6.92 3.69 1.35
C GLY A 15 -5.70 3.85 0.44
N CYS A 16 -4.87 4.89 0.72
CA CYS A 16 -3.69 5.31 -0.07
C CYS A 16 -2.42 5.10 0.74
N SER A 17 -2.38 4.18 1.71
CA SER A 17 -1.19 4.00 2.55
C SER A 17 0.01 3.65 1.66
N SER A 18 -0.21 2.98 0.52
CA SER A 18 0.87 2.62 -0.44
C SER A 18 1.58 3.87 -0.95
N CYS A 19 1.04 5.06 -0.74
CA CYS A 19 1.62 6.34 -1.25
C CYS A 19 2.53 7.01 -0.21
N LEU A 20 2.60 6.49 0.99
CA LEU A 20 3.18 7.21 2.17
C LEU A 20 4.61 7.64 1.84
N ASP A 21 5.42 6.72 1.31
CA ASP A 21 6.86 6.94 1.17
C ASP A 21 7.13 8.06 0.16
N TYR A 22 6.19 8.39 -0.71
CA TYR A 22 6.36 9.53 -1.66
C TYR A 22 6.28 10.85 -0.91
N PHE A 23 5.62 10.90 0.25
CA PHE A 23 5.56 12.13 1.10
C PHE A 23 6.79 12.17 2.00
N THR A 24 7.10 11.03 2.60
CA THR A 24 8.20 10.91 3.60
C THR A 24 9.52 11.33 3.00
N THR A 25 9.81 10.93 1.75
CA THR A 25 11.11 11.21 1.10
C THR A 25 11.25 12.73 0.90
N GLN A 26 10.17 13.49 0.91
CA GLN A 26 10.22 14.95 0.72
C GLN A 26 10.07 15.68 2.06
N GLY A 27 10.07 14.99 3.19
CA GLY A 27 9.95 15.62 4.53
C GLY A 27 8.53 16.05 4.83
N LEU A 28 7.55 15.49 4.14
CA LEU A 28 6.11 15.83 4.36
C LEU A 28 5.52 14.86 5.36
N THR A 29 5.04 15.35 6.49
CA THR A 29 4.48 14.51 7.59
C THR A 29 3.09 14.95 8.03
N THR A 30 2.66 16.19 7.82
CA THR A 30 1.33 16.67 8.33
C THR A 30 0.44 17.13 7.17
N ILE A 31 -0.88 17.01 7.36
CA ILE A 31 -1.87 17.44 6.32
C ILE A 31 -1.71 18.96 6.06
N TYR A 32 -1.25 19.74 7.05
CA TYR A 32 -1.11 21.22 6.95
C TYR A 32 0.03 21.60 5.98
N GLN A 33 1.03 20.72 5.81
CA GLN A 33 2.15 20.93 4.88
C GLN A 33 1.67 20.78 3.45
N ILE A 34 0.64 19.97 3.20
CA ILE A 34 0.19 19.64 1.82
C ILE A 34 -1.18 20.30 1.53
N GLU A 35 -1.72 21.07 2.47
CA GLU A 35 -3.12 21.61 2.40
C GLU A 35 -3.35 22.43 1.12
N HIS A 36 -2.31 23.03 0.61
CA HIS A 36 -2.37 23.87 -0.61
C HIS A 36 -1.84 23.15 -1.86
N TYR A 37 -1.66 21.82 -1.86
CA TYR A 37 -1.08 21.07 -3.03
C TYR A 37 -2.16 20.92 -4.13
N SER A 38 -1.75 21.21 -5.38
CA SER A 38 -2.50 20.95 -6.65
C SER A 38 -2.34 19.50 -7.07
N MET A 39 -3.10 19.10 -8.09
CA MET A 39 -2.88 17.85 -8.85
C MET A 39 -1.43 17.80 -9.35
N ASP A 40 -0.90 18.94 -9.76
CA ASP A 40 0.45 19.07 -10.36
C ASP A 40 1.50 18.76 -9.28
N ASP A 41 1.34 19.36 -8.10
CA ASP A 41 2.27 19.10 -6.96
C ASP A 41 2.26 17.62 -6.63
N LEU A 42 1.09 17.00 -6.63
CA LEU A 42 0.99 15.55 -6.32
C LEU A 42 1.67 14.74 -7.42
N ALA A 43 1.48 15.12 -8.68
CA ALA A 43 2.16 14.45 -9.81
C ALA A 43 3.68 14.58 -9.61
N SER A 44 4.15 15.72 -9.12
CA SER A 44 5.60 16.00 -8.96
C SER A 44 6.20 15.13 -7.86
N LEU A 45 5.39 14.67 -6.92
CA LEU A 45 5.79 13.71 -5.86
C LEU A 45 6.00 12.31 -6.44
N LYS A 46 5.51 12.07 -7.66
CA LYS A 46 5.49 10.74 -8.33
C LYS A 46 4.53 9.81 -7.59
N ILE A 47 3.48 10.36 -6.99
CA ILE A 47 2.27 9.59 -6.58
CA ILE A 47 2.30 9.55 -6.58
C ILE A 47 1.76 8.88 -7.83
N PRO A 48 1.56 7.55 -7.82
CA PRO A 48 0.94 6.91 -8.99
C PRO A 48 -0.36 7.64 -9.36
N GLU A 49 -0.55 7.86 -10.66
CA GLU A 49 -1.67 8.62 -11.22
C GLU A 49 -2.99 8.13 -10.61
N GLN A 50 -3.16 6.82 -10.40
CA GLN A 50 -4.46 6.25 -9.97
C GLN A 50 -4.93 6.86 -8.63
N PHE A 51 -4.03 7.36 -7.79
CA PHE A 51 -4.34 7.85 -6.43
C PHE A 51 -4.49 9.38 -6.39
N ARG A 52 -4.10 10.10 -7.43
CA ARG A 52 -3.89 11.57 -7.32
C ARG A 52 -5.23 12.24 -7.01
N HIS A 53 -6.26 11.91 -7.76
CA HIS A 53 -7.62 12.51 -7.62
C HIS A 53 -8.16 12.29 -6.19
N ALA A 54 -8.07 11.07 -5.67
CA ALA A 54 -8.52 10.72 -4.29
C ALA A 54 -7.78 11.57 -3.26
N ILE A 55 -6.44 11.62 -3.32
CA ILE A 55 -5.63 12.43 -2.37
C ILE A 55 -6.01 13.89 -2.48
N TRP A 56 -6.08 14.40 -3.70
CA TRP A 56 -6.46 15.81 -3.97
C TRP A 56 -7.86 16.08 -3.38
N LYS A 57 -8.85 15.18 -3.57
CA LYS A 57 -10.23 15.33 -2.98
C LYS A 57 -10.17 15.26 -1.45
N GLY A 58 -9.29 14.45 -0.89
CA GLY A 58 -9.06 14.44 0.54
C GLY A 58 -8.56 15.79 1.01
N ILE A 59 -7.63 16.41 0.27
CA ILE A 59 -7.05 17.72 0.64
C ILE A 59 -8.18 18.76 0.56
N LEU A 60 -8.94 18.71 -0.52
CA LEU A 60 -10.15 19.59 -0.76
C LEU A 60 -11.10 19.43 0.44
N ASP A 61 -11.42 18.19 0.81
CA ASP A 61 -12.34 17.90 1.94
C ASP A 61 -11.80 18.58 3.18
N HIS A 62 -10.48 18.56 3.39
CA HIS A 62 -9.82 19.26 4.51
C HIS A 62 -10.04 20.78 4.39
N ARG A 63 -9.72 21.40 3.24
CA ARG A 63 -10.03 22.83 2.97
C ARG A 63 -11.54 23.08 3.30
N GLN A 64 -12.47 22.15 2.91
CA GLN A 64 -13.96 22.36 2.96
C GLN A 64 -14.47 22.38 4.43
N LEU A 65 -13.69 21.85 5.36
CA LEU A 65 -13.97 21.85 6.81
C LEU A 65 -13.91 23.28 7.35
N HIS A 66 -13.04 24.11 6.74
CA HIS A 66 -12.71 25.48 7.24
C HIS A 66 -12.43 25.37 8.75
N GLU A 67 -11.61 24.36 9.12
CA GLU A 67 -11.24 23.93 10.50
C GLU A 67 -11.21 25.14 11.47
N SER B 2 20.58 -0.29 13.38
CA SER B 2 21.33 -1.06 12.34
C SER B 2 21.71 -0.13 11.20
N ASP B 3 23.00 0.03 10.91
CA ASP B 3 23.41 0.82 9.74
C ASP B 3 23.07 0.02 8.48
N LEU B 4 23.44 -1.26 8.39
CA LEU B 4 23.12 -2.06 7.16
C LEU B 4 21.59 -2.11 6.98
N GLY B 5 20.83 -2.05 8.07
CA GLY B 5 19.35 -2.12 8.04
C GLY B 5 18.80 -0.88 7.41
N LYS B 6 19.39 0.26 7.76
CA LYS B 6 19.01 1.55 7.14
C LYS B 6 19.40 1.54 5.65
N LYS B 7 20.59 1.00 5.33
CA LYS B 7 21.07 0.89 3.94
C LYS B 7 20.09 0.02 3.15
N LEU B 8 19.63 -1.08 3.73
CA LEU B 8 18.74 -2.05 3.07
C LEU B 8 17.38 -1.38 2.76
N LEU B 9 16.83 -0.61 3.70
CA LEU B 9 15.56 0.11 3.50
C LEU B 9 15.72 1.09 2.34
N GLU B 10 16.84 1.82 2.30
CA GLU B 10 17.09 2.78 1.19
C GLU B 10 17.23 2.03 -0.13
N ALA B 11 17.96 0.92 -0.16
CA ALA B 11 18.19 0.18 -1.41
C ALA B 11 16.85 -0.39 -1.92
N ALA B 12 16.00 -0.86 -1.00
CA ALA B 12 14.66 -1.41 -1.33
C ALA B 12 13.78 -0.28 -1.85
N ARG B 13 13.80 0.88 -1.19
CA ARG B 13 13.09 2.10 -1.68
C ARG B 13 13.54 2.43 -3.12
N ALA B 14 14.82 2.42 -3.38
CA ALA B 14 15.40 2.93 -4.64
C ALA B 14 15.28 1.87 -5.73
N GLY B 15 14.89 0.66 -5.40
CA GLY B 15 14.78 -0.46 -6.37
C GLY B 15 16.14 -0.92 -6.92
N GLN B 16 17.18 -0.98 -6.08
CA GLN B 16 18.52 -1.40 -6.52
C GLN B 16 18.79 -2.85 -6.10
N ASP B 17 18.37 -3.78 -6.94
CA ASP B 17 18.32 -5.23 -6.64
C ASP B 17 19.71 -5.72 -6.24
N ASP B 18 20.70 -5.35 -7.05
CA ASP B 18 22.11 -5.87 -6.91
C ASP B 18 22.63 -5.38 -5.54
N GLU B 19 22.29 -4.15 -5.17
CA GLU B 19 22.67 -3.58 -3.86
C GLU B 19 21.96 -4.33 -2.70
N VAL B 20 20.64 -4.56 -2.79
CA VAL B 20 19.91 -5.39 -1.79
C VAL B 20 20.62 -6.76 -1.61
N ARG B 21 20.99 -7.42 -2.70
CA ARG B 21 21.59 -8.80 -2.64
C ARG B 21 22.89 -8.73 -1.87
N ILE B 22 23.72 -7.72 -2.14
CA ILE B 22 25.04 -7.51 -1.49
C ILE B 22 24.83 -7.18 0.01
N LEU B 23 23.86 -6.36 0.36
CA LEU B 23 23.57 -6.01 1.77
C LEU B 23 23.07 -7.25 2.52
N MET B 24 22.21 -8.07 1.91
CA MET B 24 21.71 -9.34 2.52
C MET B 24 22.89 -10.34 2.67
N ALA B 25 23.77 -10.46 1.67
CA ALA B 25 24.97 -11.36 1.75
C ALA B 25 25.85 -10.92 2.91
N ASN B 26 25.84 -9.64 3.27
CA ASN B 26 26.73 -9.09 4.32
C ASN B 26 26.00 -8.88 5.64
N GLY B 27 24.85 -9.53 5.85
CA GLY B 27 24.21 -9.68 7.18
C GLY B 27 23.21 -8.58 7.52
N ALA B 28 22.74 -7.78 6.55
CA ALA B 28 21.70 -6.74 6.78
C ALA B 28 20.46 -7.39 7.40
N ASP B 29 19.81 -6.71 8.35
CA ASP B 29 18.57 -7.19 8.99
C ASP B 29 17.43 -7.11 7.99
N VAL B 30 16.93 -8.27 7.54
CA VAL B 30 15.89 -8.34 6.46
C VAL B 30 14.61 -7.65 6.95
N ASN B 31 14.39 -7.59 8.26
CA ASN B 31 13.13 -7.07 8.83
C ASN B 31 13.38 -5.71 9.53
N ALA B 32 14.44 -4.99 9.16
CA ALA B 32 14.68 -3.60 9.59
C ALA B 32 13.40 -2.77 9.42
N GLN B 33 13.12 -1.85 10.34
CA GLN B 33 11.92 -0.99 10.16
C GLN B 33 12.32 0.48 10.10
N ASP B 34 11.62 1.27 9.28
CA ASP B 34 11.70 2.75 9.34
C ASP B 34 10.76 3.27 10.42
N GLN B 35 10.65 4.60 10.50
CA GLN B 35 9.92 5.31 11.59
C GLN B 35 8.42 4.99 11.53
N TYR B 36 7.91 4.58 10.37
CA TYR B 36 6.49 4.27 10.16
C TYR B 36 6.22 2.78 10.31
N GLY B 37 7.24 1.99 10.56
CA GLY B 37 7.09 0.52 10.69
C GLY B 37 7.14 -0.20 9.35
N TRP B 38 7.54 0.48 8.28
CA TRP B 38 7.77 -0.20 6.98
C TRP B 38 9.10 -0.99 7.02
N THR B 39 9.05 -2.21 6.53
CA THR B 39 10.23 -3.05 6.26
C THR B 39 10.67 -2.84 4.82
N PRO B 40 11.84 -3.37 4.42
CA PRO B 40 12.23 -3.38 3.02
C PRO B 40 11.13 -4.03 2.16
N LEU B 41 10.44 -5.02 2.70
CA LEU B 41 9.36 -5.74 1.95
C LEU B 41 8.16 -4.81 1.72
N HIS B 42 7.80 -4.00 2.71
CA HIS B 42 6.72 -2.99 2.55
C HIS B 42 7.13 -2.07 1.39
N LEU B 43 8.34 -1.51 1.46
CA LEU B 43 8.82 -0.50 0.48
C LEU B 43 8.80 -1.12 -0.93
N ALA B 44 9.32 -2.33 -1.08
CA ALA B 44 9.42 -3.00 -2.39
C ALA B 44 8.01 -3.32 -2.91
N ALA B 45 7.09 -3.73 -2.04
CA ALA B 45 5.70 -4.04 -2.44
C ALA B 45 5.00 -2.76 -2.87
N ALA B 46 5.17 -1.65 -2.14
CA ALA B 46 4.47 -0.38 -2.46
C ALA B 46 5.05 0.22 -3.74
N ARG B 47 6.37 0.13 -3.96
CA ARG B 47 7.04 0.86 -5.08
C ARG B 47 7.26 -0.08 -6.27
N GLY B 48 6.83 -1.32 -6.19
CA GLY B 48 6.74 -2.20 -7.36
C GLY B 48 8.10 -2.80 -7.76
N HIS B 49 8.90 -3.20 -6.79
CA HIS B 49 10.23 -3.80 -6.98
C HIS B 49 10.14 -5.32 -6.76
N LEU B 50 9.76 -6.06 -7.82
CA LEU B 50 9.43 -7.49 -7.75
C LEU B 50 10.66 -8.32 -7.41
N GLU B 51 11.79 -8.06 -8.06
CA GLU B 51 12.99 -8.89 -7.85
C GLU B 51 13.46 -8.67 -6.42
N ILE B 52 13.32 -7.47 -5.87
CA ILE B 52 13.67 -7.20 -4.44
C ILE B 52 12.71 -7.95 -3.51
N VAL B 53 11.42 -7.99 -3.82
CA VAL B 53 10.44 -8.77 -3.01
C VAL B 53 10.92 -10.22 -2.94
N GLU B 54 11.27 -10.78 -4.09
CA GLU B 54 11.74 -12.18 -4.20
CA GLU B 54 11.71 -12.19 -4.19
C GLU B 54 12.98 -12.41 -3.33
N VAL B 55 13.97 -11.55 -3.46
CA VAL B 55 15.28 -11.70 -2.74
C VAL B 55 15.01 -11.61 -1.23
N LEU B 56 14.24 -10.61 -0.81
CA LEU B 56 13.87 -10.42 0.61
C LEU B 56 13.16 -11.64 1.17
N LEU B 57 12.15 -12.19 0.47
CA LEU B 57 11.45 -13.42 0.92
C LEU B 57 12.42 -14.61 1.02
N LYS B 58 13.29 -14.78 0.05
CA LYS B 58 14.29 -15.87 0.06
C LYS B 58 15.27 -15.74 1.24
N THR B 59 15.51 -14.54 1.76
CA THR B 59 16.51 -14.26 2.83
C THR B 59 15.78 -14.03 4.18
N GLY B 60 14.52 -14.46 4.27
CA GLY B 60 13.78 -14.66 5.54
C GLY B 60 12.88 -13.47 5.94
N ALA B 61 12.58 -12.55 5.02
CA ALA B 61 11.60 -11.46 5.27
C ALA B 61 10.30 -12.05 5.83
N ASP B 62 9.67 -11.33 6.75
CA ASP B 62 8.35 -11.67 7.35
C ASP B 62 7.25 -11.18 6.41
N VAL B 63 6.61 -12.11 5.71
CA VAL B 63 5.62 -11.78 4.65
C VAL B 63 4.41 -11.07 5.28
N ASN B 64 4.18 -11.21 6.60
CA ASN B 64 3.00 -10.60 7.24
C ASN B 64 3.39 -9.47 8.20
N ALA B 65 4.59 -8.88 8.05
CA ALA B 65 5.05 -7.77 8.90
C ALA B 65 4.00 -6.66 8.80
N VAL B 66 3.68 -6.03 9.92
CA VAL B 66 2.69 -4.92 9.96
CA VAL B 66 2.67 -4.91 9.95
C VAL B 66 3.39 -3.62 10.33
N ASP B 67 3.00 -2.52 9.70
CA ASP B 67 3.48 -1.18 10.04
C ASP B 67 2.66 -0.63 11.25
N LYS B 68 2.79 0.65 11.53
CA LYS B 68 2.16 1.27 12.73
C LYS B 68 0.69 1.61 12.46
N HIS B 69 0.14 1.33 11.28
CA HIS B 69 -1.30 1.58 10.93
C HIS B 69 -1.99 0.31 10.44
N GLY B 70 -1.41 -0.84 10.73
CA GLY B 70 -1.97 -2.17 10.45
C GLY B 70 -1.75 -2.68 9.04
N ASN B 71 -0.91 -2.04 8.22
CA ASN B 71 -0.68 -2.46 6.82
C ASN B 71 0.35 -3.57 6.78
N THR B 72 0.01 -4.67 6.10
CA THR B 72 0.96 -5.71 5.66
C THR B 72 1.40 -5.40 4.22
N PRO B 73 2.45 -6.06 3.69
CA PRO B 73 2.89 -5.74 2.32
C PRO B 73 1.84 -6.07 1.24
N LEU B 74 1.09 -7.14 1.41
CA LEU B 74 0.10 -7.60 0.38
C LEU B 74 -0.88 -6.49 0.02
N PRO B 75 -1.60 -5.85 0.98
CA PRO B 75 -2.56 -4.78 0.60
C PRO B 75 -1.87 -3.60 -0.07
N LEU B 76 -0.59 -3.33 0.25
CA LEU B 76 0.13 -2.20 -0.43
C LEU B 76 0.31 -2.53 -1.92
N ALA B 77 0.76 -3.74 -2.25
CA ALA B 77 0.95 -4.19 -3.65
C ALA B 77 -0.39 -4.25 -4.36
N ALA B 78 -1.39 -4.78 -3.68
CA ALA B 78 -2.78 -4.92 -4.24
C ALA B 78 -3.33 -3.52 -4.61
N SER B 79 -3.06 -2.50 -3.80
CA SER B 79 -3.60 -1.12 -3.98
CA SER B 79 -3.63 -1.15 -3.99
C SER B 79 -3.03 -0.51 -5.26
N VAL B 80 -1.73 -0.68 -5.49
CA VAL B 80 -1.03 0.01 -6.60
C VAL B 80 -1.20 -0.78 -7.88
N GLY B 81 -1.53 -2.06 -7.78
CA GLY B 81 -1.80 -2.90 -8.95
C GLY B 81 -0.62 -3.75 -9.36
N HIS B 82 0.28 -4.06 -8.44
CA HIS B 82 1.48 -4.91 -8.71
C HIS B 82 1.12 -6.40 -8.64
N LEU B 83 0.53 -6.95 -9.71
CA LEU B 83 -0.06 -8.31 -9.74
C LEU B 83 0.99 -9.39 -9.43
N GLU B 84 2.16 -9.26 -10.03
CA GLU B 84 3.27 -10.22 -9.85
C GLU B 84 3.68 -10.23 -8.39
N ILE B 85 3.80 -9.07 -7.77
CA ILE B 85 4.17 -8.99 -6.35
C ILE B 85 3.07 -9.64 -5.51
N VAL B 86 1.78 -9.41 -5.84
CA VAL B 86 0.67 -9.96 -5.06
C VAL B 86 0.83 -11.48 -5.08
N GLU B 87 1.06 -12.06 -6.23
CA GLU B 87 1.07 -13.53 -6.40
C GLU B 87 2.26 -14.10 -5.63
N VAL B 88 3.38 -13.43 -5.67
CA VAL B 88 4.61 -13.90 -4.96
C VAL B 88 4.36 -13.85 -3.45
N LEU B 89 3.73 -12.77 -2.96
CA LEU B 89 3.42 -12.61 -1.51
C LEU B 89 2.45 -13.72 -1.10
N LEU B 90 1.40 -13.97 -1.89
CA LEU B 90 0.42 -15.03 -1.54
C LEU B 90 1.13 -16.38 -1.47
N LYS B 91 2.04 -16.64 -2.39
CA LYS B 91 2.73 -17.95 -2.44
C LYS B 91 3.66 -18.10 -1.23
N ALA B 92 4.14 -16.99 -0.64
CA ALA B 92 5.01 -17.01 0.55
C ALA B 92 4.18 -17.04 1.84
N GLY B 93 2.84 -16.99 1.74
CA GLY B 93 1.96 -17.20 2.92
C GLY B 93 1.35 -15.89 3.43
N ALA B 94 1.31 -14.84 2.61
CA ALA B 94 0.62 -13.59 2.98
C ALA B 94 -0.84 -13.90 3.40
N ASP B 95 -1.33 -13.20 4.41
CA ASP B 95 -2.72 -13.35 4.92
C ASP B 95 -3.65 -12.60 3.94
N VAL B 96 -4.38 -13.35 3.14
CA VAL B 96 -5.22 -12.82 2.04
C VAL B 96 -6.30 -11.88 2.60
N ASN B 97 -6.74 -12.07 3.84
CA ASN B 97 -7.84 -11.28 4.43
C ASN B 97 -7.35 -10.47 5.62
N ALA B 98 -6.06 -10.11 5.64
CA ALA B 98 -5.50 -9.16 6.63
C ALA B 98 -6.30 -7.86 6.57
N GLN B 99 -6.59 -7.25 7.70
CA GLN B 99 -7.37 -6.00 7.77
C GLN B 99 -6.49 -4.96 8.40
N ASP B 100 -6.48 -3.77 7.81
CA ASP B 100 -5.80 -2.59 8.39
C ASP B 100 -6.68 -1.91 9.45
N GLN B 101 -6.20 -0.80 10.01
CA GLN B 101 -6.89 -0.10 11.09
C GLN B 101 -8.28 0.40 10.63
N PHE B 102 -8.53 0.58 9.33
CA PHE B 102 -9.87 0.95 8.81
C PHE B 102 -10.65 -0.29 8.35
N GLY B 103 -10.13 -1.48 8.66
CA GLY B 103 -10.78 -2.77 8.34
C GLY B 103 -10.71 -3.15 6.89
N ARG B 104 -9.88 -2.49 6.09
CA ARG B 104 -9.76 -2.77 4.64
C ARG B 104 -8.92 -4.02 4.49
N THR B 105 -9.40 -4.94 3.68
CA THR B 105 -8.63 -6.13 3.19
C THR B 105 -7.95 -5.82 1.86
N PRO B 106 -7.00 -6.68 1.39
CA PRO B 106 -6.48 -6.60 0.05
C PRO B 106 -7.57 -6.55 -1.02
N LEU B 107 -8.65 -7.32 -0.87
CA LEU B 107 -9.79 -7.29 -1.80
C LEU B 107 -10.44 -5.90 -1.84
N HIS B 108 -10.62 -5.26 -0.69
CA HIS B 108 -11.17 -3.88 -0.62
C HIS B 108 -10.28 -2.98 -1.47
N LEU B 109 -8.97 -3.07 -1.30
CA LEU B 109 -8.06 -2.08 -1.92
C LEU B 109 -7.88 -2.35 -3.41
N ALA B 110 -7.84 -3.61 -3.85
CA ALA B 110 -7.83 -3.97 -5.29
C ALA B 110 -9.13 -3.45 -5.93
N ALA B 111 -10.25 -3.55 -5.23
CA ALA B 111 -11.59 -3.09 -5.73
C ALA B 111 -11.62 -1.57 -5.76
N MET B 112 -11.02 -0.93 -4.80
CA MET B 112 -11.00 0.55 -4.68
C MET B 112 -10.24 1.16 -5.85
N TRP B 113 -9.09 0.59 -6.20
CA TRP B 113 -8.16 1.21 -7.18
C TRP B 113 -8.26 0.52 -8.54
N GLY B 114 -9.22 -0.41 -8.70
CA GLY B 114 -9.68 -0.84 -10.04
C GLY B 114 -8.77 -1.90 -10.68
N HIS B 115 -8.18 -2.77 -9.89
CA HIS B 115 -7.24 -3.80 -10.34
C HIS B 115 -7.96 -5.14 -10.53
N LEU B 116 -8.55 -5.36 -11.70
CA LEU B 116 -9.43 -6.53 -11.96
C LEU B 116 -8.68 -7.85 -11.77
N GLU B 117 -7.51 -8.00 -12.38
CA GLU B 117 -6.81 -9.30 -12.36
C GLU B 117 -6.36 -9.61 -10.93
N ILE B 118 -5.99 -8.60 -10.16
CA ILE B 118 -5.65 -8.78 -8.73
C ILE B 118 -6.88 -9.22 -7.95
N VAL B 119 -8.03 -8.62 -8.18
CA VAL B 119 -9.29 -9.05 -7.50
C VAL B 119 -9.48 -10.54 -7.77
N GLU B 120 -9.39 -10.94 -9.04
CA GLU B 120 -9.59 -12.34 -9.48
C GLU B 120 -8.59 -13.25 -8.77
N VAL B 121 -7.33 -12.86 -8.65
CA VAL B 121 -6.26 -13.70 -8.02
C VAL B 121 -6.60 -13.81 -6.53
N LEU B 122 -6.99 -12.69 -5.92
CA LEU B 122 -7.34 -12.68 -4.47
C LEU B 122 -8.54 -13.61 -4.23
N LEU B 123 -9.56 -13.57 -5.06
CA LEU B 123 -10.74 -14.48 -4.95
C LEU B 123 -10.28 -15.93 -5.01
N LYS B 124 -9.40 -16.25 -5.94
CA LYS B 124 -8.92 -17.64 -6.07
C LYS B 124 -8.19 -18.05 -4.79
N HIS B 125 -7.58 -17.12 -4.05
CA HIS B 125 -6.78 -17.45 -2.85
C HIS B 125 -7.63 -17.29 -1.58
N GLY B 126 -8.96 -17.17 -1.72
CA GLY B 126 -9.89 -17.19 -0.57
C GLY B 126 -10.20 -15.81 -0.01
N ALA B 127 -10.01 -14.74 -0.77
CA ALA B 127 -10.41 -13.39 -0.33
C ALA B 127 -11.90 -13.43 0.08
N ASP B 128 -12.26 -12.74 1.16
CA ASP B 128 -13.63 -12.75 1.73
C ASP B 128 -14.48 -11.64 1.08
N VAL B 129 -15.40 -12.03 0.20
CA VAL B 129 -16.26 -11.05 -0.53
C VAL B 129 -17.19 -10.32 0.42
N ASN B 130 -17.51 -10.89 1.58
CA ASN B 130 -18.46 -10.27 2.54
C ASN B 130 -17.73 -9.47 3.61
N ALA B 131 -16.40 -9.42 3.64
CA ALA B 131 -15.67 -8.67 4.67
C ALA B 131 -16.09 -7.18 4.62
N GLN B 132 -16.47 -6.66 5.76
CA GLN B 132 -16.88 -5.24 5.91
C GLN B 132 -15.72 -4.46 6.52
N ASP B 133 -15.44 -3.28 5.96
CA ASP B 133 -14.51 -2.32 6.62
C ASP B 133 -15.22 -1.57 7.75
N LYS B 134 -14.54 -0.58 8.33
CA LYS B 134 -15.06 0.15 9.50
C LYS B 134 -16.23 1.04 9.09
N PHE B 135 -16.43 1.28 7.79
CA PHE B 135 -17.56 2.07 7.27
C PHE B 135 -18.69 1.13 6.86
N GLY B 136 -18.54 -0.16 7.09
CA GLY B 136 -19.59 -1.18 6.81
C GLY B 136 -19.59 -1.64 5.37
N LYS B 137 -18.57 -1.28 4.59
CA LYS B 137 -18.56 -1.49 3.13
C LYS B 137 -17.81 -2.78 2.78
N THR B 138 -18.28 -3.46 1.78
CA THR B 138 -17.59 -4.59 1.15
C THR B 138 -16.73 -4.09 -0.03
N ALA B 139 -15.92 -4.97 -0.60
CA ALA B 139 -15.13 -4.69 -1.80
C ALA B 139 -16.10 -4.29 -2.89
N PHE B 140 -17.24 -4.97 -2.96
CA PHE B 140 -18.27 -4.72 -4.00
C PHE B 140 -18.75 -3.25 -3.91
N ASP B 141 -19.09 -2.83 -2.71
CA ASP B 141 -19.59 -1.44 -2.42
C ASP B 141 -18.54 -0.44 -2.84
N ILE B 142 -17.26 -0.70 -2.51
CA ILE B 142 -16.18 0.22 -2.87
C ILE B 142 -16.01 0.23 -4.41
N SER B 143 -16.16 -0.89 -5.08
CA SER B 143 -15.97 -0.95 -6.56
C SER B 143 -17.04 -0.08 -7.25
N ILE B 144 -18.24 -0.07 -6.72
CA ILE B 144 -19.34 0.85 -7.15
CA ILE B 144 -19.31 0.86 -7.19
C ILE B 144 -18.89 2.31 -6.92
N ASP B 145 -18.48 2.62 -5.72
CA ASP B 145 -18.23 4.01 -5.30
C ASP B 145 -17.21 4.62 -6.28
N ASN B 146 -16.24 3.83 -6.76
CA ASN B 146 -15.10 4.35 -7.55
C ASN B 146 -15.28 4.08 -9.07
N GLY B 147 -16.37 3.48 -9.49
CA GLY B 147 -16.66 3.27 -10.93
C GLY B 147 -15.83 2.17 -11.58
N ASN B 148 -15.40 1.16 -10.84
CA ASN B 148 -14.52 0.10 -11.38
C ASN B 148 -15.44 -1.02 -11.90
N GLU B 149 -15.98 -0.82 -13.08
CA GLU B 149 -17.18 -1.55 -13.58
C GLU B 149 -16.85 -3.05 -13.78
N ASP B 150 -15.64 -3.36 -14.27
CA ASP B 150 -15.16 -4.75 -14.47
C ASP B 150 -15.23 -5.46 -13.11
N ILE B 151 -14.94 -4.76 -12.03
CA ILE B 151 -14.88 -5.39 -10.69
C ILE B 151 -16.30 -5.53 -10.13
N VAL B 152 -17.18 -4.57 -10.39
CA VAL B 152 -18.59 -4.64 -10.00
C VAL B 152 -19.17 -5.96 -10.56
N GLU B 153 -18.86 -6.27 -11.82
CA GLU B 153 -19.44 -7.45 -12.55
C GLU B 153 -18.93 -8.74 -11.92
N VAL B 154 -17.67 -8.78 -11.47
CA VAL B 154 -17.13 -10.05 -10.91
C VAL B 154 -17.61 -10.20 -9.45
N LEU B 155 -17.85 -9.11 -8.71
CA LEU B 155 -18.24 -9.20 -7.24
C LEU B 155 -19.76 -9.17 -7.02
N GLN B 156 -20.52 -8.71 -7.99
CA GLN B 156 -22.01 -8.61 -7.91
C GLN B 156 -22.62 -9.94 -7.39
N LYS B 157 -23.36 -9.89 -6.27
CA LYS B 157 -24.03 -11.07 -5.64
C LYS B 157 -23.07 -12.27 -5.48
N ALA B 158 -21.79 -12.07 -5.23
CA ALA B 158 -20.84 -13.16 -4.91
C ALA B 158 -21.14 -13.67 -3.49
#